data_6HKN
#
_entry.id   6HKN
#
_cell.length_a   92.488
_cell.length_b   92.488
_cell.length_c   113.585
_cell.angle_alpha   90.000
_cell.angle_beta   90.000
_cell.angle_gamma   90.000
#
_symmetry.space_group_name_H-M   'P 41 21 2'
#
loop_
_entity.id
_entity.type
_entity.pdbx_description
1 polymer 'Mitogen-activated protein kinase 7'
2 non-polymer [2-azanyl-4-(trifluoromethyloxy)phenyl]-[4-(7-methoxyquinazolin-4-yl)piperidin-1-yl]methanone
3 water water
#
_entity_poly.entity_id   1
_entity_poly.type   'polypeptide(L)'
_entity_poly.pdbx_seq_one_letter_code
;EYEIIETIGNGAYGVVSSARRRLTGQQVAIKKIPNAFDVVTNAKRTLRELKILKHFKHDNIIAIKDILRPTVPYGEFKSV
YVVLDLMESDLHQIIHSSQPLTLEHVRYFLYQLLRGLKYMHSAQVIHRDLKPSNLLVNENCELKIGDFGMARGLCTSPAE
HQYFMTEYVATRWYRAPELMLSLHEYTQAIDLWSVGCIFGEMLARRQLFPGKNYVHQLQLIMMVLGTPSPAVIQAVGAER
VRAYIQSLPPRQPVPWETVYPGADRQALSLLGRMLRFEPSARISAAAALRHPFLAKYHDPDDEPDCAPPFDFAFDREALT
RERIKEAIVAEIEDFHARRE
;
_entity_poly.pdbx_strand_id   A
#
# COMPACT_ATOMS: atom_id res chain seq x y z
N GLU A 1 10.10 1.86 -29.54
CA GLU A 1 10.30 3.35 -29.57
C GLU A 1 9.02 4.08 -29.13
N TYR A 2 9.21 5.24 -28.53
CA TYR A 2 8.12 6.00 -27.90
C TYR A 2 8.28 7.49 -28.16
N GLU A 3 7.24 8.25 -27.83
CA GLU A 3 7.23 9.72 -27.99
C GLU A 3 6.44 10.37 -26.86
N ILE A 4 7.09 11.27 -26.11
CA ILE A 4 6.53 11.81 -24.87
C ILE A 4 5.58 13.00 -25.07
N ILE A 5 4.51 12.96 -24.27
CA ILE A 5 3.37 13.89 -24.30
C ILE A 5 3.44 14.98 -23.21
N GLU A 6 3.18 14.57 -21.96
CA GLU A 6 3.07 15.48 -20.82
C GLU A 6 3.58 14.74 -19.58
N THR A 7 4.02 15.52 -18.60
CA THR A 7 4.47 14.98 -17.32
C THR A 7 3.24 14.80 -16.43
N ILE A 8 3.02 13.57 -15.98
CA ILE A 8 1.89 13.29 -15.09
C ILE A 8 2.22 13.79 -13.68
N ALA A 12 3.96 13.75 -9.30
CA ALA A 12 3.46 13.00 -8.16
C ALA A 12 4.14 11.64 -7.97
N TYR A 13 4.24 10.87 -9.07
CA TYR A 13 4.81 9.50 -9.05
C TYR A 13 6.27 9.45 -9.54
N GLY A 14 7.04 10.50 -9.26
CA GLY A 14 8.37 10.69 -9.85
C GLY A 14 8.25 11.13 -11.30
N VAL A 15 9.31 10.92 -12.07
CA VAL A 15 9.33 11.34 -13.48
C VAL A 15 8.54 10.31 -14.31
N VAL A 16 7.22 10.43 -14.26
CA VAL A 16 6.29 9.61 -15.08
C VAL A 16 5.73 10.48 -16.18
N SER A 17 5.93 10.03 -17.41
CA SER A 17 5.51 10.77 -18.56
C SER A 17 4.50 9.97 -19.37
N SER A 18 3.56 10.67 -19.97
CA SER A 18 2.61 10.07 -20.90
C SER A 18 3.35 9.99 -22.22
N ALA A 19 3.29 8.83 -22.88
CA ALA A 19 4.03 8.61 -24.12
C ALA A 19 3.21 7.85 -25.14
N ARG A 20 3.22 8.35 -26.37
CA ARG A 20 2.56 7.72 -27.51
C ARG A 20 3.50 6.67 -28.11
N ARG A 21 2.93 5.55 -28.55
CA ARG A 21 3.69 4.46 -29.15
C ARG A 21 3.41 4.34 -30.64
N GLN A 26 -1.20 3.70 -29.67
CA GLN A 26 -1.72 3.47 -28.31
C GLN A 26 -0.85 4.13 -27.25
N GLN A 27 -1.48 4.69 -26.23
CA GLN A 27 -0.78 5.39 -25.15
C GLN A 27 -0.26 4.43 -24.07
N VAL A 28 0.90 4.77 -23.52
CA VAL A 28 1.52 4.04 -22.40
C VAL A 28 2.19 5.01 -21.43
N ALA A 29 2.41 4.54 -20.20
CA ALA A 29 3.12 5.30 -19.18
C ALA A 29 4.58 4.85 -19.16
N ILE A 30 5.49 5.82 -19.16
CA ILE A 30 6.92 5.57 -19.01
C ILE A 30 7.38 6.28 -17.75
N LYS A 31 7.97 5.51 -16.84
CA LYS A 31 8.57 6.06 -15.61
C LYS A 31 10.09 6.02 -15.72
N LYS A 32 10.70 7.19 -15.58
CA LYS A 32 12.16 7.34 -15.50
C LYS A 32 12.57 7.38 -14.04
N ILE A 33 13.54 6.54 -13.68
CA ILE A 33 14.18 6.60 -12.37
C ILE A 33 15.55 7.21 -12.63
N PRO A 34 15.66 8.55 -12.49
CA PRO A 34 16.93 9.21 -12.79
C PRO A 34 17.96 8.98 -11.69
N ASN A 35 19.23 8.90 -12.08
CA ASN A 35 20.33 8.71 -11.12
C ASN A 35 20.02 7.57 -10.14
N ALA A 36 19.62 6.43 -10.71
CA ALA A 36 19.05 5.31 -9.96
C ALA A 36 20.02 4.64 -8.99
N PHE A 37 21.32 4.76 -9.25
CA PHE A 37 22.37 4.08 -8.48
C PHE A 37 23.23 5.02 -7.60
N ASP A 38 22.80 6.27 -7.44
CA ASP A 38 23.58 7.30 -6.70
C ASP A 38 23.40 7.25 -5.18
N VAL A 39 22.24 6.83 -4.72
CA VAL A 39 21.90 6.76 -3.30
C VAL A 39 21.50 5.33 -2.94
N VAL A 40 22.03 4.83 -1.82
CA VAL A 40 21.86 3.43 -1.41
C VAL A 40 20.38 3.11 -1.20
N THR A 41 19.71 3.95 -0.43
CA THR A 41 18.30 3.75 -0.09
C THR A 41 17.40 3.73 -1.32
N ASN A 42 17.65 4.64 -2.25
CA ASN A 42 16.90 4.71 -3.50
C ASN A 42 17.14 3.48 -4.36
N ALA A 43 18.41 3.08 -4.48
CA ALA A 43 18.78 1.94 -5.29
C ALA A 43 18.21 0.64 -4.72
N LYS A 44 18.29 0.48 -3.40
CA LYS A 44 17.66 -0.67 -2.73
C LYS A 44 16.17 -0.72 -3.01
N ARG A 45 15.51 0.44 -2.94
CA ARG A 45 14.07 0.54 -3.18
C ARG A 45 13.68 0.11 -4.60
N THR A 46 14.44 0.57 -5.59
CA THR A 46 14.24 0.17 -6.97
C THR A 46 14.38 -1.35 -7.18
N LEU A 47 15.37 -1.95 -6.53
CA LEU A 47 15.59 -3.40 -6.62
C LEU A 47 14.40 -4.17 -6.02
N ARG A 48 13.93 -3.74 -4.86
CA ARG A 48 12.74 -4.31 -4.22
C ARG A 48 11.52 -4.23 -5.14
N GLU A 49 11.25 -3.03 -5.63
CA GLU A 49 10.10 -2.81 -6.49
C GLU A 49 10.14 -3.69 -7.73
N LEU A 50 11.30 -3.75 -8.39
CA LEU A 50 11.47 -4.60 -9.58
C LEU A 50 11.17 -6.05 -9.26
N LYS A 51 11.71 -6.53 -8.15
CA LYS A 51 11.54 -7.92 -7.75
C LYS A 51 10.11 -8.25 -7.34
N ILE A 52 9.46 -7.30 -6.67
CA ILE A 52 8.06 -7.48 -6.27
C ILE A 52 7.14 -7.52 -7.49
N LEU A 53 7.27 -6.52 -8.37
CA LEU A 53 6.40 -6.42 -9.54
C LEU A 53 6.62 -7.53 -10.58
N LYS A 54 7.85 -8.06 -10.67
CA LYS A 54 8.10 -9.25 -11.49
C LYS A 54 7.52 -10.52 -10.85
N HIS A 55 7.50 -10.59 -9.53
CA HIS A 55 6.93 -11.74 -8.81
C HIS A 55 5.41 -11.86 -9.00
N PHE A 56 4.70 -10.74 -8.88
CA PHE A 56 3.25 -10.75 -8.98
C PHE A 56 2.75 -10.75 -10.42
N LYS A 57 1.69 -11.53 -10.66
CA LYS A 57 0.98 -11.55 -11.93
C LYS A 57 -0.50 -11.59 -11.56
N HIS A 58 -1.11 -10.41 -11.52
CA HIS A 58 -2.46 -10.21 -10.98
C HIS A 58 -3.05 -8.92 -11.54
N ASP A 59 -4.30 -8.98 -11.98
CA ASP A 59 -4.97 -7.82 -12.62
C ASP A 59 -5.23 -6.60 -11.71
N ASN A 60 -5.21 -6.81 -10.40
CA ASN A 60 -5.25 -5.73 -9.41
C ASN A 60 -3.90 -5.29 -8.83
N ILE A 61 -2.80 -5.70 -9.46
CA ILE A 61 -1.47 -5.23 -9.10
C ILE A 61 -0.82 -4.68 -10.35
N ILE A 62 -0.23 -3.49 -10.24
CA ILE A 62 0.54 -2.85 -11.30
C ILE A 62 1.58 -3.82 -11.83
N ALA A 63 1.68 -3.92 -13.16
CA ALA A 63 2.61 -4.81 -13.83
C ALA A 63 3.57 -4.01 -14.69
N ILE A 64 4.82 -4.45 -14.75
CA ILE A 64 5.81 -3.88 -15.65
C ILE A 64 5.58 -4.49 -17.03
N LYS A 65 5.39 -3.63 -18.03
CA LYS A 65 5.16 -4.05 -19.42
C LYS A 65 6.48 -4.15 -20.18
N ASP A 66 7.35 -3.16 -19.99
CA ASP A 66 8.69 -3.21 -20.57
C ASP A 66 9.70 -2.47 -19.67
N ILE A 67 10.97 -2.85 -19.79
CA ILE A 67 12.09 -2.10 -19.25
C ILE A 67 13.06 -1.88 -20.38
N LEU A 68 13.50 -0.63 -20.55
CA LEU A 68 14.48 -0.28 -21.58
C LEU A 68 15.88 -0.66 -21.09
N ARG A 69 16.59 -1.43 -21.91
CA ARG A 69 17.96 -1.84 -21.59
C ARG A 69 18.94 -0.70 -21.86
N PRO A 70 20.17 -0.78 -21.31
CA PRO A 70 21.16 0.28 -21.57
C PRO A 70 21.59 0.39 -23.04
N THR A 71 21.30 1.54 -23.66
CA THR A 71 21.84 1.91 -24.98
C THR A 71 23.33 2.29 -24.89
N VAL A 72 23.70 2.93 -23.78
CA VAL A 72 25.10 3.30 -23.46
C VAL A 72 25.89 2.13 -22.84
N PRO A 73 27.23 2.26 -22.72
CA PRO A 73 28.02 1.29 -21.94
C PRO A 73 27.67 1.24 -20.45
N TYR A 74 27.99 0.12 -19.81
CA TYR A 74 27.52 -0.20 -18.45
C TYR A 74 27.80 0.90 -17.45
N GLY A 75 29.04 1.40 -17.46
CA GLY A 75 29.47 2.52 -16.62
C GLY A 75 28.58 3.77 -16.72
N GLU A 76 28.24 4.13 -17.95
CA GLU A 76 27.39 5.30 -18.24
C GLU A 76 25.88 5.04 -18.01
N PHE A 77 25.49 3.80 -17.77
CA PHE A 77 24.10 3.47 -17.41
C PHE A 77 23.74 4.04 -16.03
N LYS A 78 23.02 5.16 -16.05
CA LYS A 78 22.66 5.93 -14.85
C LYS A 78 21.16 5.94 -14.53
N SER A 79 20.31 5.80 -15.54
CA SER A 79 18.86 5.93 -15.38
C SER A 79 18.10 4.71 -15.90
N VAL A 80 17.07 4.32 -15.15
CA VAL A 80 16.21 3.18 -15.50
C VAL A 80 14.87 3.70 -16.02
N TYR A 81 14.46 3.17 -17.18
CA TYR A 81 13.17 3.50 -17.78
C TYR A 81 12.26 2.29 -17.72
N VAL A 82 11.09 2.46 -17.11
CA VAL A 82 10.13 1.38 -16.93
C VAL A 82 8.80 1.76 -17.61
N VAL A 83 8.30 0.85 -18.44
CA VAL A 83 7.08 1.07 -19.22
C VAL A 83 5.93 0.31 -18.58
N LEU A 84 4.82 1.02 -18.44
CA LEU A 84 3.61 0.48 -17.81
C LEU A 84 2.40 0.82 -18.68
N ASP A 85 1.29 0.13 -18.41
CA ASP A 85 0.01 0.47 -19.03
C ASP A 85 -0.49 1.79 -18.46
N LEU A 86 -0.95 2.67 -19.35
CA LEU A 86 -1.45 3.98 -18.93
C LEU A 86 -2.78 3.85 -18.18
N MET A 87 -2.79 4.31 -16.93
CA MET A 87 -3.98 4.40 -16.08
C MET A 87 -4.50 5.83 -16.21
N GLU A 88 -5.80 6.02 -16.37
CA GLU A 88 -6.36 7.38 -16.55
C GLU A 88 -6.35 8.21 -15.27
N SER A 89 -6.48 7.55 -14.12
CA SER A 89 -6.58 8.25 -12.85
C SER A 89 -6.16 7.37 -11.67
N ASP A 90 -6.31 7.90 -10.46
CA ASP A 90 -6.08 7.17 -9.23
C ASP A 90 -7.25 7.44 -8.30
N LEU A 91 -7.34 6.63 -7.25
CA LEU A 91 -8.50 6.69 -6.36
C LEU A 91 -8.59 8.00 -5.56
N HIS A 92 -7.47 8.69 -5.33
CA HIS A 92 -7.50 10.01 -4.69
C HIS A 92 -8.24 11.02 -5.55
N GLN A 93 -7.84 11.10 -6.82
CA GLN A 93 -8.45 12.01 -7.79
C GLN A 93 -9.94 11.70 -8.01
N ILE A 94 -10.32 10.43 -7.99
CA ILE A 94 -11.72 10.02 -8.16
C ILE A 94 -12.57 10.43 -6.97
N ILE A 95 -12.11 10.09 -5.77
CA ILE A 95 -12.81 10.44 -4.54
C ILE A 95 -12.99 11.95 -4.42
N HIS A 96 -11.89 12.69 -4.54
CA HIS A 96 -11.90 14.14 -4.26
C HIS A 96 -12.06 14.98 -5.52
N SER A 97 -13.12 14.69 -6.28
CA SER A 97 -13.42 15.44 -7.51
C SER A 97 -14.91 15.35 -7.81
N SER A 98 -15.32 16.02 -8.89
CA SER A 98 -16.72 16.14 -9.24
C SER A 98 -17.37 14.89 -9.86
N GLN A 99 -16.61 13.83 -10.08
CA GLN A 99 -17.16 12.63 -10.72
C GLN A 99 -17.95 11.75 -9.74
N PRO A 100 -18.79 10.82 -10.24
CA PRO A 100 -19.61 10.02 -9.33
C PRO A 100 -18.83 9.12 -8.40
N LEU A 101 -19.40 8.87 -7.22
CA LEU A 101 -18.91 7.82 -6.33
C LEU A 101 -20.06 7.34 -5.45
N THR A 102 -20.94 6.54 -6.07
CA THR A 102 -22.06 5.87 -5.39
C THR A 102 -21.56 4.73 -4.52
N LEU A 103 -22.47 4.16 -3.73
CA LEU A 103 -22.16 2.97 -2.91
C LEU A 103 -21.62 1.79 -3.73
N GLU A 104 -22.13 1.64 -4.95
CA GLU A 104 -21.67 0.58 -5.86
C GLU A 104 -20.25 0.80 -6.36
N HIS A 105 -19.84 2.06 -6.54
CA HIS A 105 -18.45 2.39 -6.84
C HIS A 105 -17.57 1.96 -5.68
N VAL A 106 -18.01 2.31 -4.47
CA VAL A 106 -17.30 1.96 -3.23
C VAL A 106 -17.16 0.44 -3.15
N ARG A 107 -18.29 -0.24 -3.24
CA ARG A 107 -18.33 -1.70 -3.21
C ARG A 107 -17.32 -2.33 -4.18
N TYR A 108 -17.31 -1.85 -5.42
CA TYR A 108 -16.49 -2.44 -6.47
C TYR A 108 -15.01 -2.10 -6.33
N PHE A 109 -14.71 -0.85 -6.01
CA PHE A 109 -13.31 -0.46 -5.77
C PHE A 109 -12.74 -1.20 -4.57
N LEU A 110 -13.52 -1.32 -3.51
CA LEU A 110 -13.09 -2.11 -2.33
C LEU A 110 -12.83 -3.56 -2.68
N TYR A 111 -13.75 -4.17 -3.44
CA TYR A 111 -13.61 -5.56 -3.87
C TYR A 111 -12.27 -5.82 -4.55
N GLN A 112 -11.93 -4.99 -5.51
CA GLN A 112 -10.69 -5.14 -6.30
C GLN A 112 -9.42 -4.96 -5.49
N LEU A 113 -9.45 -3.98 -4.58
CA LEU A 113 -8.35 -3.76 -3.65
C LEU A 113 -8.13 -4.99 -2.79
N LEU A 114 -9.21 -5.51 -2.20
CA LEU A 114 -9.13 -6.71 -1.36
C LEU A 114 -8.71 -7.96 -2.13
N ARG A 115 -9.19 -8.09 -3.37
CA ARG A 115 -8.78 -9.17 -4.28
C ARG A 115 -7.28 -9.12 -4.51
N GLY A 116 -6.77 -7.93 -4.81
CA GLY A 116 -5.32 -7.70 -4.94
C GLY A 116 -4.55 -8.03 -3.66
N LEU A 117 -5.09 -7.60 -2.53
CA LEU A 117 -4.43 -7.85 -1.23
C LEU A 117 -4.42 -9.31 -0.80
N LYS A 118 -5.47 -10.06 -1.08
CA LYS A 118 -5.49 -11.49 -0.75
C LYS A 118 -4.29 -12.19 -1.40
N TYR A 119 -4.10 -11.91 -2.69
CA TYR A 119 -3.00 -12.45 -3.47
C TYR A 119 -1.63 -12.00 -2.95
N MET A 120 -1.48 -10.70 -2.75
CA MET A 120 -0.28 -10.08 -2.19
C MET A 120 0.07 -10.64 -0.81
N HIS A 121 -0.92 -10.65 0.07
CA HIS A 121 -0.76 -11.17 1.44
C HIS A 121 -0.41 -12.63 1.54
N SER A 122 -0.96 -13.47 0.65
CA SER A 122 -0.63 -14.90 0.61
C SER A 122 0.83 -15.17 0.19
N ALA A 123 1.47 -14.21 -0.48
CA ALA A 123 2.93 -14.23 -0.75
C ALA A 123 3.84 -13.64 0.36
N GLN A 124 3.25 -13.33 1.51
N GLN A 124 3.27 -13.34 1.52
CA GLN A 124 3.93 -12.73 2.67
CA GLN A 124 3.99 -12.73 2.67
C GLN A 124 4.57 -11.38 2.33
C GLN A 124 4.59 -11.38 2.32
N VAL A 125 3.81 -10.55 1.62
CA VAL A 125 4.20 -9.20 1.26
C VAL A 125 3.18 -8.26 1.88
N ILE A 126 3.68 -7.32 2.67
CA ILE A 126 2.89 -6.27 3.29
C ILE A 126 3.24 -5.00 2.54
N HIS A 127 2.23 -4.30 1.99
CA HIS A 127 2.43 -3.07 1.22
C HIS A 127 2.92 -1.93 2.12
N ARG A 128 2.24 -1.75 3.25
CA ARG A 128 2.55 -0.76 4.30
C ARG A 128 2.30 0.71 3.98
N ASP A 129 1.82 1.00 2.78
CA ASP A 129 1.62 2.37 2.31
C ASP A 129 0.38 2.49 1.41
N LEU A 130 -0.67 1.73 1.73
CA LEU A 130 -1.91 1.81 0.99
C LEU A 130 -2.65 3.12 1.28
N LYS A 131 -2.99 3.82 0.22
CA LYS A 131 -3.77 5.05 0.30
C LYS A 131 -4.35 5.31 -1.09
N PRO A 132 -5.40 6.15 -1.19
CA PRO A 132 -6.08 6.31 -2.48
C PRO A 132 -5.17 6.64 -3.68
N SER A 133 -4.13 7.44 -3.44
CA SER A 133 -3.20 7.85 -4.51
C SER A 133 -2.27 6.74 -5.02
N ASN A 134 -2.12 5.66 -4.25
CA ASN A 134 -1.41 4.45 -4.70
C ASN A 134 -2.34 3.39 -5.33
N LEU A 135 -3.63 3.72 -5.44
CA LEU A 135 -4.61 2.85 -6.11
C LEU A 135 -5.00 3.48 -7.42
N LEU A 136 -4.44 2.93 -8.50
CA LEU A 136 -4.63 3.48 -9.83
C LEU A 136 -5.81 2.83 -10.49
N VAL A 137 -6.53 3.59 -11.31
CA VAL A 137 -7.75 3.14 -11.96
C VAL A 137 -7.67 3.49 -13.43
N ASN A 138 -7.74 2.46 -14.29
CA ASN A 138 -7.76 2.68 -15.74
C ASN A 138 -9.16 3.05 -16.24
N GLU A 139 -9.28 3.36 -17.53
CA GLU A 139 -10.59 3.79 -18.08
C GLU A 139 -11.65 2.68 -18.12
N ASN A 140 -11.22 1.41 -18.05
CA ASN A 140 -12.09 0.24 -17.83
C ASN A 140 -12.46 -0.07 -16.36
N CYS A 141 -12.16 0.86 -15.45
CA CYS A 141 -12.46 0.71 -14.02
C CYS A 141 -11.70 -0.42 -13.31
N GLU A 142 -10.54 -0.80 -13.83
CA GLU A 142 -9.71 -1.79 -13.15
C GLU A 142 -8.83 -1.05 -12.18
N LEU A 143 -8.92 -1.44 -10.91
CA LEU A 143 -8.11 -0.87 -9.84
C LEU A 143 -6.83 -1.68 -9.72
N LYS A 144 -5.69 -0.99 -9.74
CA LYS A 144 -4.38 -1.62 -9.58
C LYS A 144 -3.56 -0.99 -8.43
N ILE A 145 -3.10 -1.84 -7.53
CA ILE A 145 -2.24 -1.44 -6.45
C ILE A 145 -0.84 -1.15 -7.01
N GLY A 146 -0.30 0.02 -6.68
CA GLY A 146 1.05 0.42 -7.10
C GLY A 146 1.92 0.91 -5.95
N ASP A 147 3.13 1.33 -6.30
CA ASP A 147 4.11 1.93 -5.40
C ASP A 147 4.47 1.05 -4.22
N PHE A 148 5.20 -0.01 -4.54
CA PHE A 148 5.65 -1.02 -3.59
C PHE A 148 6.97 -0.71 -2.86
N GLY A 149 7.49 0.51 -3.02
CA GLY A 149 8.74 0.94 -2.36
C GLY A 149 8.81 0.77 -0.85
N MET A 150 7.66 0.87 -0.18
CA MET A 150 7.56 0.73 1.29
C MET A 150 7.32 -0.71 1.76
N ALA A 151 7.12 -1.65 0.82
CA ALA A 151 6.69 -3.00 1.17
C ALA A 151 7.78 -3.80 1.84
N ARG A 152 7.38 -4.70 2.72
CA ARG A 152 8.28 -5.56 3.45
C ARG A 152 7.62 -6.90 3.73
N GLY A 153 8.43 -7.87 4.12
CA GLY A 153 7.96 -9.17 4.58
C GLY A 153 7.64 -9.16 6.07
N LEU A 154 7.41 -10.35 6.62
CA LEU A 154 7.16 -10.52 8.04
C LEU A 154 8.43 -10.38 8.89
N CYS A 155 9.60 -10.60 8.26
CA CYS A 155 10.90 -10.43 8.89
C CYS A 155 11.67 -9.27 8.25
N THR A 156 12.30 -8.46 9.10
CA THR A 156 13.05 -7.26 8.70
C THR A 156 14.39 -7.21 9.47
N SER A 157 15.40 -6.66 8.82
CA SER A 157 16.75 -6.54 9.39
C SER A 157 16.85 -5.36 10.37
N PRO A 158 17.56 -5.55 11.52
CA PRO A 158 17.81 -4.43 12.45
C PRO A 158 18.56 -3.23 11.85
N ALA A 159 19.37 -3.45 10.81
CA ALA A 159 20.11 -2.39 10.09
C ALA A 159 19.25 -1.21 9.60
N GLU A 160 17.98 -1.46 9.28
CA GLU A 160 17.03 -0.41 8.89
C GLU A 160 16.61 0.46 10.09
N HIS A 161 16.58 1.77 9.86
CA HIS A 161 16.07 2.72 10.86
C HIS A 161 14.57 2.50 11.15
N GLN A 162 13.80 2.17 10.10
CA GLN A 162 12.37 1.89 10.24
C GLN A 162 12.04 0.70 11.17
N TYR A 163 12.98 -0.24 11.32
CA TYR A 163 12.84 -1.40 12.23
C TYR A 163 12.47 -0.98 13.64
N PHE A 164 13.10 0.10 14.12
CA PHE A 164 12.83 0.69 15.44
C PHE A 164 11.85 1.86 15.38
N MET A 165 12.02 2.72 14.39
CA MET A 165 11.25 3.96 14.25
C MET A 165 10.00 3.70 13.41
N THR A 166 9.12 2.86 13.91
CA THR A 166 7.99 2.36 13.14
C THR A 166 6.95 3.45 12.89
N GLU A 167 6.86 4.41 13.79
CA GLU A 167 5.94 5.53 13.64
C GLU A 167 6.22 6.46 12.45
N TYR A 168 7.39 6.35 11.82
CA TYR A 168 7.70 7.08 10.58
C TYR A 168 7.48 6.27 9.28
N VAL A 169 7.00 5.04 9.41
CA VAL A 169 6.72 4.20 8.25
C VAL A 169 5.52 4.76 7.47
N ALA A 170 5.74 5.08 6.20
CA ALA A 170 4.66 5.44 5.28
C ALA A 170 3.93 6.75 5.63
N THR A 171 2.63 6.83 5.34
CA THR A 171 1.85 8.09 5.40
C THR A 171 1.05 8.15 6.70
N ARG A 172 1.10 9.30 7.37
CA ARG A 172 0.53 9.46 8.71
C ARG A 172 -0.98 9.20 8.77
N TRP A 173 -1.71 9.72 7.79
CA TRP A 173 -3.17 9.58 7.77
C TRP A 173 -3.68 8.14 7.65
N TYR A 174 -2.87 7.21 7.14
CA TYR A 174 -3.25 5.81 6.93
C TYR A 174 -2.44 4.80 7.73
N ARG A 175 -1.64 5.30 8.67
CA ARG A 175 -0.67 4.46 9.40
C ARG A 175 -1.32 3.67 10.54
N ALA A 176 -1.12 2.36 10.51
CA ALA A 176 -1.72 1.46 11.49
C ALA A 176 -1.22 1.73 12.92
N PRO A 177 -2.08 1.54 13.94
CA PRO A 177 -1.69 1.74 15.34
C PRO A 177 -0.44 0.97 15.78
N GLU A 178 -0.22 -0.23 15.24
CA GLU A 178 0.97 -1.02 15.58
C GLU A 178 2.28 -0.33 15.18
N LEU A 179 2.24 0.41 14.08
CA LEU A 179 3.39 1.20 13.62
C LEU A 179 3.53 2.49 14.43
N MET A 180 2.42 3.21 14.58
CA MET A 180 2.35 4.41 15.43
C MET A 180 2.90 4.19 16.84
N LEU A 181 2.50 3.09 17.47
CA LEU A 181 2.79 2.83 18.88
C LEU A 181 3.89 1.80 19.11
N SER A 182 4.49 1.31 18.02
CA SER A 182 5.51 0.24 18.08
C SER A 182 5.08 -0.99 18.91
N LEU A 183 3.98 -1.64 18.52
CA LEU A 183 3.41 -2.76 19.28
C LEU A 183 4.09 -4.14 19.06
N HIS A 184 5.17 -4.18 18.29
CA HIS A 184 5.94 -5.41 18.03
C HIS A 184 5.11 -6.57 17.42
N GLU A 185 4.17 -6.18 16.55
CA GLU A 185 3.33 -7.12 15.83
C GLU A 185 3.05 -6.50 14.46
N TYR A 186 3.87 -6.88 13.48
CA TYR A 186 3.87 -6.27 12.15
C TYR A 186 3.56 -7.34 11.12
N THR A 187 2.28 -7.43 10.77
CA THR A 187 1.74 -8.44 9.87
C THR A 187 0.97 -7.75 8.77
N GLN A 188 0.39 -8.57 7.88
CA GLN A 188 -0.51 -8.11 6.83
C GLN A 188 -1.68 -7.26 7.33
N ALA A 189 -2.03 -7.41 8.61
CA ALA A 189 -3.01 -6.54 9.27
C ALA A 189 -2.70 -5.04 9.17
N ILE A 190 -1.42 -4.69 9.06
CA ILE A 190 -1.04 -3.30 8.75
C ILE A 190 -1.86 -2.73 7.60
N ASP A 191 -1.96 -3.50 6.52
CA ASP A 191 -2.66 -3.07 5.31
C ASP A 191 -4.16 -2.96 5.47
N LEU A 192 -4.74 -3.83 6.29
CA LEU A 192 -6.18 -3.81 6.54
C LEU A 192 -6.64 -2.58 7.32
N TRP A 193 -5.80 -2.04 8.20
CA TRP A 193 -6.08 -0.74 8.80
C TRP A 193 -6.18 0.32 7.71
N SER A 194 -5.17 0.36 6.85
CA SER A 194 -5.14 1.29 5.73
C SER A 194 -6.36 1.13 4.82
N VAL A 195 -6.75 -0.11 4.53
CA VAL A 195 -7.97 -0.38 3.75
C VAL A 195 -9.19 0.23 4.45
N GLY A 196 -9.29 0.02 5.76
CA GLY A 196 -10.34 0.65 6.57
C GLY A 196 -10.42 2.16 6.36
N CYS A 197 -9.27 2.82 6.44
CA CYS A 197 -9.18 4.27 6.21
C CYS A 197 -9.65 4.66 4.79
N ILE A 198 -9.19 3.90 3.79
CA ILE A 198 -9.58 4.14 2.39
C ILE A 198 -11.09 3.94 2.20
N PHE A 199 -11.62 2.91 2.83
CA PHE A 199 -13.04 2.52 2.74
C PHE A 199 -13.92 3.62 3.34
N GLY A 200 -13.57 4.06 4.55
CA GLY A 200 -14.23 5.20 5.19
C GLY A 200 -14.16 6.46 4.35
N GLU A 201 -12.96 6.75 3.83
CA GLU A 201 -12.75 7.89 2.93
C GLU A 201 -13.62 7.85 1.67
N MET A 202 -13.83 6.65 1.12
CA MET A 202 -14.73 6.48 -0.03
C MET A 202 -16.18 6.76 0.35
N LEU A 203 -16.60 6.31 1.53
CA LEU A 203 -18.00 6.48 1.97
C LEU A 203 -18.40 7.93 2.22
N ALA A 204 -17.50 8.72 2.80
CA ALA A 204 -17.77 10.15 3.07
C ALA A 204 -17.12 11.15 2.10
N ARG A 205 -16.21 10.67 1.26
CA ARG A 205 -15.44 11.51 0.33
C ARG A 205 -14.53 12.52 1.06
N ARG A 206 -14.08 12.15 2.26
CA ARG A 206 -13.12 12.95 3.03
C ARG A 206 -12.28 12.02 3.89
N GLN A 207 -11.08 12.44 4.23
CA GLN A 207 -10.14 11.62 4.98
C GLN A 207 -10.70 11.35 6.38
N LEU A 208 -10.51 10.12 6.85
CA LEU A 208 -11.10 9.67 8.11
C LEU A 208 -10.35 10.25 9.31
N PHE A 209 -9.02 10.08 9.29
CA PHE A 209 -8.13 10.56 10.36
C PHE A 209 -7.02 11.51 9.84
N PRO A 210 -7.39 12.76 9.50
CA PRO A 210 -6.42 13.74 8.98
C PRO A 210 -5.62 14.45 10.08
N GLY A 211 -4.71 13.72 10.71
CA GLY A 211 -3.87 14.25 11.78
C GLY A 211 -2.78 15.18 11.27
N LYS A 212 -2.48 16.21 12.05
CA LYS A 212 -1.48 17.23 11.71
C LYS A 212 -0.08 16.85 12.19
N ASN A 213 -0.02 15.98 13.20
CA ASN A 213 1.23 15.52 13.80
C ASN A 213 0.99 14.19 14.52
N TYR A 214 2.03 13.63 15.14
CA TYR A 214 1.97 12.34 15.84
C TYR A 214 0.84 12.25 16.87
N VAL A 215 0.75 13.27 17.73
CA VAL A 215 -0.19 13.27 18.85
C VAL A 215 -1.63 13.50 18.38
N HIS A 216 -1.84 14.47 17.51
CA HIS A 216 -3.16 14.73 16.93
C HIS A 216 -3.70 13.51 16.19
N GLN A 217 -2.82 12.79 15.48
CA GLN A 217 -3.19 11.56 14.78
C GLN A 217 -3.76 10.52 15.76
N LEU A 218 -3.09 10.35 16.90
CA LEU A 218 -3.58 9.46 17.97
C LEU A 218 -4.88 9.97 18.60
N GLN A 219 -4.99 11.28 18.79
CA GLN A 219 -6.24 11.88 19.27
C GLN A 219 -7.42 11.49 18.38
N LEU A 220 -7.29 11.78 17.09
CA LEU A 220 -8.37 11.50 16.12
C LEU A 220 -8.78 10.03 16.06
N ILE A 221 -7.82 9.12 16.13
CA ILE A 221 -8.09 7.67 16.18
C ILE A 221 -8.89 7.30 17.44
N MET A 222 -8.47 7.84 18.58
CA MET A 222 -9.15 7.61 19.87
C MET A 222 -10.54 8.23 19.96
N MET A 223 -10.74 9.39 19.33
CA MET A 223 -12.05 10.04 19.30
C MET A 223 -13.16 9.18 18.68
N VAL A 224 -12.77 8.25 17.79
CA VAL A 224 -13.71 7.29 17.18
C VAL A 224 -13.63 5.91 17.83
N LEU A 225 -12.42 5.36 17.95
CA LEU A 225 -12.22 4.01 18.50
C LEU A 225 -12.25 3.90 20.03
N GLY A 226 -12.20 5.04 20.73
CA GLY A 226 -12.09 5.07 22.18
C GLY A 226 -10.65 4.85 22.61
N THR A 227 -10.43 4.88 23.92
CA THR A 227 -9.12 4.60 24.50
C THR A 227 -8.76 3.12 24.27
N PRO A 228 -7.50 2.82 23.94
CA PRO A 228 -7.09 1.43 23.76
C PRO A 228 -7.02 0.66 25.08
N SER A 229 -7.05 -0.68 24.97
CA SER A 229 -7.09 -1.57 26.13
C SER A 229 -5.75 -1.58 26.89
N PRO A 230 -5.76 -2.02 28.17
CA PRO A 230 -4.52 -2.13 28.94
C PRO A 230 -3.42 -2.98 28.30
N ALA A 231 -3.81 -4.06 27.61
CA ALA A 231 -2.85 -4.93 26.90
C ALA A 231 -2.12 -4.16 25.81
N VAL A 232 -2.88 -3.36 25.06
CA VAL A 232 -2.32 -2.50 24.01
C VAL A 232 -1.48 -1.36 24.61
N ILE A 233 -1.98 -0.71 25.66
CA ILE A 233 -1.23 0.37 26.31
C ILE A 233 0.11 -0.14 26.82
N GLN A 234 0.13 -1.28 27.51
CA GLN A 234 1.38 -1.85 28.03
C GLN A 234 2.32 -2.31 26.91
N ALA A 235 1.74 -2.73 25.78
CA ALA A 235 2.52 -3.06 24.57
C ALA A 235 3.21 -1.85 23.90
N VAL A 236 2.78 -0.63 24.23
CA VAL A 236 3.45 0.60 23.75
C VAL A 236 4.88 0.63 24.29
N GLY A 237 5.85 0.79 23.39
CA GLY A 237 7.27 0.78 23.75
C GLY A 237 7.69 2.05 24.46
N ALA A 238 7.31 3.19 23.88
CA ALA A 238 7.67 4.50 24.42
C ALA A 238 6.86 4.84 25.68
N GLU A 239 7.54 4.97 26.80
CA GLU A 239 6.91 5.35 28.07
C GLU A 239 6.12 6.65 27.97
N ARG A 240 6.64 7.60 27.21
CA ARG A 240 6.00 8.90 27.09
C ARG A 240 4.70 8.87 26.30
N VAL A 241 4.60 8.00 25.29
CA VAL A 241 3.34 7.80 24.58
C VAL A 241 2.37 7.06 25.51
N ARG A 242 2.86 6.01 26.17
CA ARG A 242 2.08 5.24 27.13
C ARG A 242 1.49 6.14 28.21
N ALA A 243 2.33 7.00 28.79
CA ALA A 243 1.90 7.98 29.79
C ALA A 243 0.87 8.96 29.26
N TYR A 244 1.07 9.44 28.02
CA TYR A 244 0.13 10.38 27.39
C TYR A 244 -1.27 9.79 27.26
N ILE A 245 -1.33 8.54 26.83
CA ILE A 245 -2.61 7.83 26.63
C ILE A 245 -3.33 7.62 27.96
N GLN A 246 -2.58 7.25 29.00
CA GLN A 246 -3.11 7.07 30.34
C GLN A 246 -3.57 8.36 31.02
N SER A 247 -2.99 9.50 30.60
CA SER A 247 -3.36 10.81 31.14
C SER A 247 -4.73 11.27 30.68
N LEU A 248 -5.08 10.98 29.43
CA LEU A 248 -6.39 11.37 28.88
C LEU A 248 -7.54 10.61 29.57
N PRO A 249 -8.74 11.23 29.61
CA PRO A 249 -9.87 10.56 30.26
C PRO A 249 -10.40 9.36 29.45
N PRO A 250 -11.15 8.44 30.09
CA PRO A 250 -11.66 7.28 29.37
C PRO A 250 -12.67 7.66 28.29
N ARG A 251 -12.73 6.84 27.24
CA ARG A 251 -13.60 7.11 26.10
C ARG A 251 -14.07 5.78 25.51
N GLN A 252 -15.39 5.60 25.44
CA GLN A 252 -15.99 4.44 24.78
C GLN A 252 -15.90 4.63 23.26
N PRO A 253 -15.89 3.52 22.48
CA PRO A 253 -15.89 3.67 21.03
C PRO A 253 -17.18 4.32 20.50
N VAL A 254 -17.03 5.23 19.55
CA VAL A 254 -18.14 5.84 18.84
C VAL A 254 -18.63 4.86 17.76
N PRO A 255 -19.92 4.47 17.78
CA PRO A 255 -20.44 3.60 16.71
C PRO A 255 -20.29 4.19 15.32
N TRP A 256 -19.97 3.34 14.35
CA TRP A 256 -19.76 3.79 12.97
C TRP A 256 -21.01 4.41 12.32
N GLU A 257 -22.20 3.99 12.76
CA GLU A 257 -23.48 4.60 12.35
C GLU A 257 -23.50 6.12 12.62
N THR A 258 -22.92 6.53 13.75
CA THR A 258 -22.80 7.95 14.12
C THR A 258 -21.71 8.68 13.31
N VAL A 259 -20.60 8.00 13.04
CA VAL A 259 -19.47 8.58 12.30
C VAL A 259 -19.84 8.83 10.82
N TYR A 260 -20.64 7.93 10.25
CA TYR A 260 -21.16 8.04 8.89
C TYR A 260 -22.69 7.90 8.88
N PRO A 261 -23.42 9.00 9.22
CA PRO A 261 -24.89 8.95 9.28
C PRO A 261 -25.53 8.52 7.96
N GLY A 262 -26.47 7.58 8.05
CA GLY A 262 -27.21 7.09 6.89
C GLY A 262 -26.43 6.16 5.95
N ALA A 263 -25.26 5.69 6.37
CA ALA A 263 -24.42 4.82 5.54
C ALA A 263 -24.95 3.39 5.54
N ASP A 264 -24.46 2.60 4.58
CA ASP A 264 -24.92 1.23 4.37
C ASP A 264 -24.52 0.31 5.52
N ARG A 265 -25.46 -0.48 6.02
CA ARG A 265 -25.28 -1.30 7.22
C ARG A 265 -24.18 -2.33 7.07
N GLN A 266 -24.22 -3.08 5.97
N GLN A 266 -24.24 -3.08 5.97
CA GLN A 266 -23.19 -4.10 5.69
CA GLN A 266 -23.23 -4.10 5.64
C GLN A 266 -21.82 -3.49 5.44
C GLN A 266 -21.83 -3.50 5.43
N ALA A 267 -21.78 -2.28 4.89
CA ALA A 267 -20.52 -1.55 4.70
C ALA A 267 -19.88 -1.19 6.04
N LEU A 268 -20.65 -0.57 6.91
CA LEU A 268 -20.18 -0.23 8.26
C LEU A 268 -19.86 -1.46 9.10
N SER A 269 -20.56 -2.56 8.87
CA SER A 269 -20.22 -3.85 9.47
C SER A 269 -18.79 -4.28 9.09
N LEU A 270 -18.50 -4.25 7.80
CA LEU A 270 -17.17 -4.61 7.29
C LEU A 270 -16.09 -3.62 7.73
N LEU A 271 -16.41 -2.33 7.66
CA LEU A 271 -15.52 -1.27 8.14
C LEU A 271 -15.10 -1.49 9.59
N GLY A 272 -16.07 -1.78 10.45
CA GLY A 272 -15.83 -2.02 11.88
C GLY A 272 -14.89 -3.19 12.17
N ARG A 273 -14.90 -4.19 11.29
CA ARG A 273 -13.98 -5.33 11.40
C ARG A 273 -12.56 -5.05 10.90
N MET A 274 -12.36 -3.92 10.24
CA MET A 274 -11.04 -3.47 9.76
C MET A 274 -10.35 -2.51 10.74
N LEU A 275 -11.08 -1.51 11.20
CA LEU A 275 -10.52 -0.46 12.06
C LEU A 275 -10.59 -0.88 13.53
N ARG A 276 -9.62 -1.70 13.93
CA ARG A 276 -9.44 -2.14 15.32
C ARG A 276 -7.98 -1.85 15.70
N PHE A 277 -7.76 -1.58 16.99
CA PHE A 277 -6.41 -1.32 17.52
C PHE A 277 -5.50 -2.53 17.39
N GLU A 278 -6.02 -3.70 17.76
CA GLU A 278 -5.23 -4.93 17.83
C GLU A 278 -5.12 -5.52 16.43
N PRO A 279 -3.89 -5.74 15.91
CA PRO A 279 -3.72 -6.36 14.59
C PRO A 279 -4.45 -7.70 14.43
N SER A 280 -4.39 -8.54 15.47
CA SER A 280 -5.05 -9.86 15.52
C SER A 280 -6.56 -9.83 15.47
N ALA A 281 -7.17 -8.73 15.91
CA ALA A 281 -8.62 -8.58 15.91
C ALA A 281 -9.20 -8.31 14.53
N ARG A 282 -8.38 -7.77 13.64
CA ARG A 282 -8.84 -7.31 12.33
C ARG A 282 -9.12 -8.47 11.37
N ILE A 283 -10.19 -8.31 10.60
CA ILE A 283 -10.50 -9.22 9.50
C ILE A 283 -9.34 -9.24 8.48
N SER A 284 -9.06 -10.40 7.92
CA SER A 284 -8.06 -10.54 6.85
C SER A 284 -8.65 -10.12 5.51
N ALA A 285 -7.80 -10.01 4.48
CA ALA A 285 -8.24 -9.66 3.14
C ALA A 285 -9.14 -10.78 2.59
N ALA A 286 -8.66 -12.01 2.71
CA ALA A 286 -9.41 -13.22 2.31
C ALA A 286 -10.77 -13.32 2.98
N ALA A 287 -10.82 -13.14 4.29
CA ALA A 287 -12.08 -13.21 5.03
C ALA A 287 -13.03 -12.05 4.71
N ALA A 288 -12.47 -10.87 4.48
CA ALA A 288 -13.25 -9.69 4.07
C ALA A 288 -13.94 -9.85 2.72
N LEU A 289 -13.31 -10.56 1.79
CA LEU A 289 -13.94 -10.91 0.51
C LEU A 289 -15.20 -11.78 0.65
N ARG A 290 -15.29 -12.53 1.74
CA ARG A 290 -16.48 -13.34 2.07
C ARG A 290 -17.59 -12.56 2.80
N HIS A 291 -17.38 -11.27 3.06
CA HIS A 291 -18.36 -10.45 3.77
C HIS A 291 -19.55 -10.14 2.85
N PRO A 292 -20.79 -10.16 3.37
CA PRO A 292 -21.99 -9.89 2.55
C PRO A 292 -21.98 -8.59 1.69
N PHE A 293 -21.28 -7.57 2.17
CA PHE A 293 -21.06 -6.33 1.42
C PHE A 293 -20.42 -6.53 0.05
N LEU A 294 -19.50 -7.49 -0.04
CA LEU A 294 -18.85 -7.87 -1.30
C LEU A 294 -19.39 -9.14 -1.99
N ALA A 295 -20.57 -9.61 -1.57
CA ALA A 295 -21.17 -10.84 -2.10
C ALA A 295 -21.52 -10.76 -3.59
N LYS A 296 -21.85 -9.55 -4.03
CA LYS A 296 -22.16 -9.24 -5.43
C LYS A 296 -21.05 -9.63 -6.42
N TYR A 297 -19.81 -9.38 -6.02
CA TYR A 297 -18.62 -9.64 -6.85
C TYR A 297 -17.85 -10.90 -6.46
N HIS A 298 -18.01 -11.35 -5.22
CA HIS A 298 -17.20 -12.41 -4.68
C HIS A 298 -17.37 -13.74 -5.41
N ASP A 299 -16.23 -14.34 -5.76
CA ASP A 299 -16.17 -15.64 -6.41
C ASP A 299 -14.78 -16.21 -6.12
N PRO A 300 -14.69 -17.19 -5.20
CA PRO A 300 -13.37 -17.67 -4.73
C PRO A 300 -12.52 -18.35 -5.82
N ASP A 301 -13.18 -18.93 -6.82
CA ASP A 301 -12.49 -19.51 -7.97
C ASP A 301 -11.78 -18.46 -8.84
N ASP A 302 -12.28 -17.23 -8.83
CA ASP A 302 -11.70 -16.11 -9.57
C ASP A 302 -10.90 -15.13 -8.68
N GLU A 303 -10.34 -15.63 -7.57
CA GLU A 303 -9.64 -14.81 -6.57
C GLU A 303 -8.41 -15.53 -6.03
N PRO A 304 -7.35 -15.63 -6.84
CA PRO A 304 -6.26 -16.54 -6.51
C PRO A 304 -5.31 -16.04 -5.42
N ASP A 305 -4.64 -17.00 -4.79
CA ASP A 305 -3.46 -16.75 -3.96
C ASP A 305 -2.22 -16.72 -4.84
N CYS A 306 -1.12 -16.31 -4.24
CA CYS A 306 0.18 -16.23 -4.89
C CYS A 306 1.13 -17.29 -4.31
N ALA A 307 1.69 -18.10 -5.20
CA ALA A 307 2.64 -19.16 -4.84
C ALA A 307 3.77 -19.15 -5.87
N PRO A 308 5.04 -19.19 -5.42
CA PRO A 308 5.52 -19.31 -4.04
C PRO A 308 5.49 -17.98 -3.31
N PRO A 309 5.81 -17.98 -2.01
CA PRO A 309 5.99 -16.70 -1.30
C PRO A 309 7.17 -15.89 -1.81
N PHE A 310 7.08 -14.57 -1.63
CA PHE A 310 8.17 -13.66 -1.95
C PHE A 310 9.16 -13.64 -0.78
N ASP A 311 10.45 -13.62 -1.09
CA ASP A 311 11.52 -13.60 -0.08
C ASP A 311 12.29 -12.27 -0.12
N PHE A 312 12.35 -11.59 1.02
CA PHE A 312 13.06 -10.29 1.14
C PHE A 312 14.54 -10.37 1.53
N ALA A 313 15.11 -11.57 1.60
CA ALA A 313 16.53 -11.78 1.97
C ALA A 313 17.53 -10.88 1.25
N PHE A 314 17.33 -10.70 -0.05
CA PHE A 314 18.13 -9.80 -0.90
C PHE A 314 18.23 -8.36 -0.36
N ASP A 315 17.16 -7.91 0.28
CA ASP A 315 17.06 -6.57 0.85
C ASP A 315 17.76 -6.44 2.20
N ARG A 316 17.86 -7.55 2.94
CA ARG A 316 18.58 -7.57 4.22
C ARG A 316 20.10 -7.54 4.07
N GLU A 317 20.62 -7.85 2.89
CA GLU A 317 22.06 -7.78 2.63
C GLU A 317 22.53 -6.33 2.62
N ALA A 318 23.70 -6.10 3.21
CA ALA A 318 24.33 -4.79 3.23
C ALA A 318 25.16 -4.66 1.96
N LEU A 319 24.50 -4.20 0.89
CA LEU A 319 25.13 -4.04 -0.41
C LEU A 319 25.55 -2.60 -0.67
N THR A 320 26.69 -2.45 -1.34
CA THR A 320 27.14 -1.15 -1.82
C THR A 320 26.28 -0.70 -3.02
N ARG A 321 26.40 0.58 -3.37
CA ARG A 321 25.66 1.14 -4.51
C ARG A 321 25.91 0.36 -5.80
N GLU A 322 27.19 0.08 -6.06
CA GLU A 322 27.60 -0.65 -7.26
C GLU A 322 27.06 -2.08 -7.31
N ARG A 323 27.06 -2.76 -6.16
CA ARG A 323 26.48 -4.10 -6.06
C ARG A 323 24.96 -4.12 -6.28
N ILE A 324 24.28 -3.05 -5.85
CA ILE A 324 22.84 -2.88 -6.08
C ILE A 324 22.56 -2.62 -7.57
N LYS A 325 23.38 -1.75 -8.20
CA LYS A 325 23.33 -1.53 -9.64
C LYS A 325 23.41 -2.86 -10.41
N GLU A 326 24.37 -3.69 -10.02
CA GLU A 326 24.54 -5.01 -10.61
C GLU A 326 23.32 -5.90 -10.46
N ALA A 327 22.70 -5.89 -9.29
CA ALA A 327 21.47 -6.66 -9.06
C ALA A 327 20.31 -6.16 -9.93
N ILE A 328 20.17 -4.84 -10.04
CA ILE A 328 19.11 -4.22 -10.85
C ILE A 328 19.29 -4.55 -12.34
N VAL A 329 20.52 -4.45 -12.80
CA VAL A 329 20.84 -4.80 -14.19
C VAL A 329 20.57 -6.29 -14.46
N ALA A 330 20.89 -7.15 -13.50
CA ALA A 330 20.57 -8.59 -13.61
C ALA A 330 19.06 -8.84 -13.66
N GLU A 331 18.28 -8.04 -12.92
CA GLU A 331 16.81 -8.12 -12.99
C GLU A 331 16.27 -7.66 -14.34
N ILE A 332 16.86 -6.61 -14.91
CA ILE A 332 16.49 -6.13 -16.23
C ILE A 332 16.85 -7.16 -17.30
N GLU A 333 18.05 -7.74 -17.21
CA GLU A 333 18.45 -8.84 -18.10
C GLU A 333 17.50 -10.04 -17.98
N ASP A 334 17.16 -10.40 -16.75
CA ASP A 334 16.26 -11.52 -16.48
C ASP A 334 14.84 -11.26 -16.99
N PHE A 335 14.34 -10.04 -16.83
CA PHE A 335 13.04 -9.63 -17.37
C PHE A 335 12.93 -9.99 -18.85
N HIS A 336 13.94 -9.56 -19.61
CA HIS A 336 14.01 -9.85 -21.04
C HIS A 336 14.29 -11.33 -21.36
N ALA A 337 15.17 -11.95 -20.59
CA ALA A 337 15.56 -13.36 -20.80
C ALA A 337 14.41 -14.37 -20.64
N ARG A 338 13.49 -14.08 -19.71
CA ARG A 338 12.34 -14.98 -19.47
C ARG A 338 11.40 -15.03 -20.67
N ARG A 339 11.03 -13.87 -21.19
CA ARG A 339 10.13 -13.77 -22.35
C ARG A 339 10.79 -14.12 -23.70
N GLU A 340 11.81 -13.37 -24.10
CA GLU A 340 12.37 -13.44 -25.46
C GLU A 340 13.28 -14.65 -25.63
#